data_2O05
#
_entry.id   2O05
#
_cell.length_a   57.931
_cell.length_b   60.529
_cell.length_c   86.641
_cell.angle_alpha   90.00
_cell.angle_beta   108.42
_cell.angle_gamma   90.00
#
_symmetry.space_group_name_H-M   'P 1 21 1'
#
loop_
_entity.id
_entity.type
_entity.pdbx_description
1 polymer 'Spermidine synthase'
2 non-polymer "5'-DEOXY-5'-METHYLTHIOADENOSINE"
3 water water
#
_entity_poly.entity_id   1
_entity_poly.type   'polypeptide(L)'
_entity_poly.pdbx_seq_one_letter_code
;GSMEPGPDGPAASGPAAIREGWFRETCSLWPGQALSLQVEQLLHHRRSRYQDILVFRSKTYGNVLVLDGVIQCTERDEFS
YQEMIANLPLCSHPNPRKVLIIGGGDGGVLREVVKHPSVESVVQCEIDEDVIQVSKKFLPGMAIGYSSSKLTLHVGDGFE
FMKQNQDAFDVIITDSSDPMGPAESLFKESYYQLMKTALKEDGVLCCQGECQWLHLDLIKEMRQFCQSLFPVVAYAYCTI
PTYPSGQIGFMLCSKNPSTNFQEPVQPLTQQQVAQMQLKYYNSDVHRAAFVLPEFARKALNDVS
;
_entity_poly.pdbx_strand_id   A,B
#
# COMPACT_ATOMS: atom_id res chain seq x y z
N ALA A 17 -7.16 19.40 18.45
CA ALA A 17 -7.43 17.92 18.54
C ALA A 17 -8.36 17.50 17.42
N ILE A 18 -9.64 17.76 17.64
CA ILE A 18 -10.65 17.68 16.57
C ILE A 18 -11.01 19.12 16.23
N ARG A 19 -10.75 19.51 14.98
CA ARG A 19 -11.10 20.85 14.51
C ARG A 19 -12.08 20.77 13.35
N GLU A 20 -13.23 21.44 13.50
CA GLU A 20 -14.16 21.61 12.37
C GLU A 20 -14.61 20.23 11.81
N GLY A 21 -14.80 19.27 12.71
CA GLY A 21 -15.31 17.95 12.32
C GLY A 21 -14.31 16.95 11.78
N TRP A 22 -13.04 17.31 11.77
CA TRP A 22 -11.97 16.45 11.30
C TRP A 22 -10.92 16.23 12.39
N PHE A 23 -10.39 15.02 12.50
CA PHE A 23 -9.25 14.80 13.34
C PHE A 23 -8.05 14.64 12.40
N ARG A 24 -7.01 15.46 12.56
CA ARG A 24 -5.80 15.35 11.69
C ARG A 24 -4.62 14.80 12.46
N GLU A 25 -3.97 13.76 11.94
CA GLU A 25 -2.80 13.13 12.58
C GLU A 25 -1.52 13.69 11.94
N THR A 26 -0.64 14.28 12.77
CA THR A 26 0.67 14.77 12.37
C THR A 26 1.68 14.25 13.39
N CYS A 27 2.91 14.05 12.96
CA CYS A 27 3.95 13.38 13.74
C CYS A 27 5.29 13.66 13.12
N SER A 28 6.30 13.91 13.97
CA SER A 28 7.66 14.20 13.47
C SER A 28 8.27 13.04 12.69
N LEU A 29 7.76 11.84 12.94
CA LEU A 29 8.24 10.62 12.26
C LEU A 29 7.74 10.50 10.81
N TRP A 30 6.80 11.36 10.43
CA TRP A 30 6.38 11.44 9.02
C TRP A 30 6.06 12.92 8.69
N PRO A 31 7.15 13.75 8.61
CA PRO A 31 6.99 15.22 8.51
C PRO A 31 6.44 15.62 7.14
N GLY A 32 5.59 16.63 7.15
CA GLY A 32 5.06 17.24 5.92
C GLY A 32 3.88 16.53 5.32
N GLN A 33 3.38 15.50 6.02
CA GLN A 33 2.23 14.77 5.51
C GLN A 33 1.27 14.52 6.65
N ALA A 34 -0.02 14.37 6.37
CA ALA A 34 -1.05 14.13 7.40
C ALA A 34 -2.30 13.53 6.81
N LEU A 35 -2.77 12.48 7.49
CA LEU A 35 -4.13 11.95 7.29
C LEU A 35 -5.11 12.63 8.23
N SER A 36 -6.25 13.07 7.69
CA SER A 36 -7.39 13.42 8.52
C SER A 36 -8.54 12.44 8.28
N LEU A 37 -9.24 12.15 9.37
CA LEU A 37 -10.45 11.37 9.28
C LEU A 37 -11.59 12.25 9.82
N GLN A 38 -12.70 12.34 9.10
CA GLN A 38 -13.87 13.08 9.54
C GLN A 38 -14.55 12.35 10.69
N VAL A 39 -15.03 13.14 11.65
CA VAL A 39 -15.54 12.71 12.97
C VAL A 39 -17.07 12.86 13.06
N GLU A 40 -17.75 11.74 13.33
CA GLU A 40 -19.17 11.80 13.53
C GLU A 40 -19.47 12.17 14.99
N GLN A 41 -18.71 11.56 15.91
N GLN A 41 -18.69 11.59 15.91
CA GLN A 41 -18.89 11.76 17.33
CA GLN A 41 -18.91 11.73 17.34
C GLN A 41 -17.65 11.40 18.15
C GLN A 41 -17.66 11.38 18.18
N LEU A 42 -17.29 12.29 19.07
CA LEU A 42 -16.33 11.96 20.12
C LEU A 42 -16.93 11.00 21.13
N LEU A 43 -16.21 9.92 21.41
CA LEU A 43 -16.65 8.88 22.33
C LEU A 43 -15.99 8.86 23.68
N HIS A 44 -14.68 9.13 23.71
CA HIS A 44 -13.84 8.99 24.88
C HIS A 44 -12.55 9.80 24.79
N HIS A 45 -12.20 10.51 25.88
CA HIS A 45 -10.96 11.28 25.86
C HIS A 45 -10.41 11.53 27.25
N ARG A 46 -9.52 10.65 27.69
CA ARG A 46 -8.90 10.70 29.04
C ARG A 46 -7.47 10.22 28.96
N ARG A 47 -6.65 10.80 29.84
CA ARG A 47 -5.27 10.39 30.03
C ARG A 47 -5.21 9.25 31.06
N SER A 48 -4.54 8.15 30.72
CA SER A 48 -4.37 7.07 31.68
C SER A 48 -3.07 7.40 32.44
N ARG A 49 -2.64 6.53 33.36
CA ARG A 49 -1.30 6.63 33.93
C ARG A 49 -0.19 6.83 32.87
N TYR A 50 -0.41 6.31 31.67
CA TYR A 50 0.66 6.17 30.69
C TYR A 50 0.60 7.02 29.47
N GLN A 51 -0.61 7.33 29.01
CA GLN A 51 -0.77 7.97 27.71
C GLN A 51 -2.10 8.70 27.60
N ASP A 52 -2.21 9.56 26.59
CA ASP A 52 -3.51 10.13 26.20
C ASP A 52 -4.32 9.18 25.30
N ILE A 53 -5.53 8.82 25.75
CA ILE A 53 -6.38 7.89 25.03
C ILE A 53 -7.57 8.60 24.42
N LEU A 54 -7.66 8.55 23.09
CA LEU A 54 -8.77 9.24 22.46
C LEU A 54 -9.48 8.28 21.50
N VAL A 55 -10.80 8.23 21.63
CA VAL A 55 -11.65 7.41 20.75
C VAL A 55 -12.75 8.26 20.16
N PHE A 56 -12.96 8.07 18.86
CA PHE A 56 -14.07 8.69 18.17
C PHE A 56 -14.69 7.72 17.19
N ARG A 57 -15.98 7.92 16.91
CA ARG A 57 -16.68 7.31 15.77
C ARG A 57 -16.43 8.21 14.57
N SER A 58 -15.74 7.64 13.59
CA SER A 58 -15.38 8.40 12.41
C SER A 58 -16.56 8.20 11.43
N LYS A 59 -16.68 9.07 10.43
CA LYS A 59 -17.77 8.98 9.43
C LYS A 59 -17.72 7.70 8.61
N THR A 60 -16.50 7.36 8.15
CA THR A 60 -16.30 6.28 7.18
C THR A 60 -15.35 5.16 7.60
N TYR A 61 -14.74 5.24 8.79
CA TYR A 61 -13.77 4.22 9.22
C TYR A 61 -14.19 3.49 10.53
N GLY A 62 -15.46 3.67 10.92
CA GLY A 62 -15.96 3.09 12.17
C GLY A 62 -15.24 3.74 13.32
N ASN A 63 -15.08 3.03 14.43
CA ASN A 63 -14.39 3.63 15.58
C ASN A 63 -12.88 3.71 15.39
N VAL A 64 -12.31 4.76 15.98
CA VAL A 64 -10.89 5.07 15.79
C VAL A 64 -10.20 5.30 17.14
N LEU A 65 -9.23 4.46 17.47
CA LEU A 65 -8.46 4.63 18.70
C LEU A 65 -7.17 5.40 18.46
N VAL A 66 -6.97 6.44 19.27
CA VAL A 66 -5.76 7.32 19.21
C VAL A 66 -5.01 7.34 20.55
N LEU A 67 -3.71 7.05 20.51
CA LEU A 67 -2.88 7.02 21.71
C LEU A 67 -1.82 8.09 21.52
N ASP A 68 -1.77 9.05 22.44
CA ASP A 68 -0.90 10.23 22.32
C ASP A 68 -0.92 10.92 20.95
N GLY A 69 -2.12 11.00 20.35
CA GLY A 69 -2.32 11.67 19.06
C GLY A 69 -2.00 10.86 17.81
N VAL A 70 -1.55 9.61 17.98
CA VAL A 70 -1.29 8.75 16.83
C VAL A 70 -2.38 7.67 16.74
N ILE A 71 -2.96 7.50 15.54
CA ILE A 71 -3.95 6.46 15.28
C ILE A 71 -3.28 5.10 15.57
N GLN A 72 -3.85 4.36 16.53
CA GLN A 72 -3.53 2.91 16.73
C GLN A 72 -4.25 2.03 15.73
N CYS A 73 -5.54 2.30 15.56
CA CYS A 73 -6.43 1.49 14.74
C CYS A 73 -7.79 2.10 14.44
N THR A 74 -8.40 1.57 13.39
CA THR A 74 -9.76 1.92 12.97
C THR A 74 -10.43 0.58 12.76
N GLU A 75 -11.71 0.50 13.11
CA GLU A 75 -12.47 -0.75 12.86
C GLU A 75 -12.56 -1.21 11.43
N ARG A 76 -12.58 -0.27 10.49
CA ARG A 76 -12.67 -0.59 9.07
C ARG A 76 -11.48 -1.32 8.46
N ASP A 77 -10.27 -0.97 8.88
CA ASP A 77 -9.12 -1.56 8.22
C ASP A 77 -8.18 -2.29 9.17
N GLU A 78 -8.55 -2.40 10.45
CA GLU A 78 -7.61 -3.00 11.44
C GLU A 78 -7.24 -4.46 11.08
N PHE A 79 -8.15 -5.14 10.37
CA PHE A 79 -7.92 -6.54 9.99
C PHE A 79 -6.63 -6.82 9.19
N SER A 80 -6.19 -5.94 8.26
CA SER A 80 -4.92 -6.21 7.57
C SER A 80 -3.74 -6.45 8.53
N TYR A 81 -3.50 -5.47 9.40
CA TYR A 81 -2.40 -5.47 10.34
C TYR A 81 -2.47 -6.63 11.34
N GLN A 82 -3.69 -6.83 11.92
CA GLN A 82 -3.94 -7.85 12.98
C GLN A 82 -3.70 -9.26 12.41
N GLU A 83 -4.24 -9.51 11.22
CA GLU A 83 -4.04 -10.78 10.57
C GLU A 83 -2.59 -11.07 10.11
N MET A 84 -1.89 -10.05 9.58
CA MET A 84 -0.58 -10.27 9.02
C MET A 84 0.44 -10.42 10.13
N ILE A 85 0.40 -9.58 11.15
CA ILE A 85 1.33 -9.70 12.30
C ILE A 85 1.19 -11.00 13.10
N ALA A 86 -0.06 -11.55 13.13
CA ALA A 86 -0.29 -12.86 13.72
C ALA A 86 0.09 -14.02 12.82
N ASN A 87 -0.39 -14.00 11.58
CA ASN A 87 -0.22 -15.11 10.67
C ASN A 87 1.13 -15.21 9.95
N LEU A 88 1.80 -14.10 9.70
CA LEU A 88 3.19 -14.17 9.20
C LEU A 88 4.10 -15.07 10.08
N PRO A 89 4.20 -14.77 11.41
CA PRO A 89 5.02 -15.72 12.18
C PRO A 89 4.38 -17.09 12.47
N LEU A 90 3.07 -17.13 12.74
CA LEU A 90 2.41 -18.37 13.08
C LEU A 90 2.46 -19.40 11.99
N CYS A 91 2.22 -18.94 10.75
CA CYS A 91 2.26 -19.87 9.59
C CYS A 91 3.68 -20.13 9.08
N SER A 92 4.68 -19.44 9.66
CA SER A 92 6.11 -19.73 9.44
C SER A 92 6.76 -20.66 10.52
N HIS A 93 5.92 -21.23 11.38
CA HIS A 93 6.35 -22.12 12.42
C HIS A 93 5.56 -23.41 12.22
N PRO A 94 6.24 -24.56 12.27
CA PRO A 94 5.53 -25.81 11.97
C PRO A 94 4.51 -26.25 13.01
N ASN A 95 4.64 -25.78 14.27
CA ASN A 95 3.77 -26.19 15.39
C ASN A 95 3.81 -25.20 16.61
N PRO A 96 3.26 -24.00 16.43
CA PRO A 96 3.36 -23.04 17.52
C PRO A 96 2.24 -23.21 18.56
N ARG A 97 2.62 -23.44 19.80
CA ARG A 97 1.69 -23.83 20.83
C ARG A 97 1.63 -22.78 21.92
N LYS A 98 2.75 -22.11 22.10
CA LYS A 98 2.92 -21.05 23.10
C LYS A 98 3.36 -19.71 22.53
N VAL A 99 2.51 -18.73 22.75
CA VAL A 99 2.65 -17.50 22.04
C VAL A 99 2.68 -16.39 23.08
N LEU A 100 3.54 -15.41 22.83
CA LEU A 100 3.61 -14.18 23.61
C LEU A 100 3.23 -13.01 22.74
N ILE A 101 2.26 -12.21 23.19
CA ILE A 101 1.98 -10.91 22.57
C ILE A 101 2.42 -9.81 23.53
N ILE A 102 3.28 -8.92 23.06
CA ILE A 102 3.62 -7.70 23.81
C ILE A 102 2.80 -6.50 23.29
N GLY A 103 2.10 -5.82 24.21
CA GLY A 103 1.19 -4.75 23.82
C GLY A 103 -0.15 -5.34 23.41
N GLY A 104 -0.70 -4.90 22.28
CA GLY A 104 -2.00 -5.42 21.80
C GLY A 104 -3.21 -5.24 22.69
N GLY A 105 -3.33 -4.08 23.35
CA GLY A 105 -4.38 -3.86 24.33
C GLY A 105 -5.78 -3.88 23.71
N ASP A 106 -5.86 -3.64 22.39
CA ASP A 106 -7.15 -3.64 21.71
C ASP A 106 -7.74 -5.06 21.53
N GLY A 107 -6.91 -6.08 21.70
CA GLY A 107 -7.34 -7.48 21.67
C GLY A 107 -7.24 -8.14 20.34
N GLY A 108 -6.97 -7.33 19.30
CA GLY A 108 -7.05 -7.71 17.87
C GLY A 108 -6.08 -8.81 17.45
N VAL A 109 -4.81 -8.65 17.83
CA VAL A 109 -3.76 -9.71 17.54
C VAL A 109 -4.15 -11.03 18.22
N LEU A 110 -4.58 -10.90 19.48
CA LEU A 110 -5.05 -12.02 20.31
C LEU A 110 -6.20 -12.70 19.64
N ARG A 111 -7.17 -11.88 19.18
CA ARG A 111 -8.27 -12.37 18.37
C ARG A 111 -7.73 -13.30 17.27
N GLU A 112 -6.76 -12.84 16.49
CA GLU A 112 -6.24 -13.65 15.42
C GLU A 112 -5.40 -14.86 15.85
N VAL A 113 -4.54 -14.71 16.86
CA VAL A 113 -3.68 -15.85 17.30
C VAL A 113 -4.50 -17.06 17.77
N VAL A 114 -5.54 -16.81 18.58
CA VAL A 114 -6.34 -17.90 19.18
C VAL A 114 -7.13 -18.77 18.18
N LYS A 115 -7.30 -18.25 16.96
CA LYS A 115 -7.90 -18.94 15.85
C LYS A 115 -7.15 -20.20 15.48
N HIS A 116 -5.84 -20.23 15.70
CA HIS A 116 -5.03 -21.42 15.37
C HIS A 116 -5.24 -22.52 16.42
N PRO A 117 -5.74 -23.71 15.99
CA PRO A 117 -5.89 -24.81 16.94
C PRO A 117 -4.58 -25.34 17.58
N SER A 118 -3.43 -25.13 16.95
CA SER A 118 -2.17 -25.54 17.58
C SER A 118 -1.82 -24.66 18.80
N VAL A 119 -2.28 -23.40 18.81
CA VAL A 119 -2.05 -22.51 19.95
C VAL A 119 -2.84 -22.90 21.20
N GLU A 120 -2.13 -23.27 22.27
CA GLU A 120 -2.74 -23.65 23.54
C GLU A 120 -2.79 -22.47 24.52
N SER A 121 -1.75 -21.61 24.47
CA SER A 121 -1.53 -20.59 25.48
C SER A 121 -1.01 -19.37 24.82
N VAL A 122 -1.68 -18.25 25.11
CA VAL A 122 -1.22 -16.93 24.71
C VAL A 122 -1.11 -16.09 25.94
N VAL A 123 0.12 -15.67 26.21
CA VAL A 123 0.43 -14.68 27.28
C VAL A 123 0.44 -13.34 26.59
N GLN A 124 -0.38 -12.41 27.09
CA GLN A 124 -0.35 -11.04 26.65
C GLN A 124 0.17 -10.09 27.76
N CYS A 125 1.27 -9.39 27.47
CA CYS A 125 1.80 -8.42 28.36
C CYS A 125 1.50 -6.96 27.83
N GLU A 126 0.52 -6.33 28.48
CA GLU A 126 0.03 -4.97 28.15
C GLU A 126 0.29 -4.03 29.34
N ILE A 127 0.88 -2.86 29.10
CA ILE A 127 1.34 -1.98 30.17
C ILE A 127 0.15 -1.22 30.74
N ASP A 128 -0.81 -0.89 29.87
CA ASP A 128 -1.87 0.06 30.19
C ASP A 128 -3.29 -0.59 30.22
N GLU A 129 -3.71 -1.02 31.43
CA GLU A 129 -5.07 -1.54 31.66
C GLU A 129 -6.26 -0.65 31.18
N ASP A 130 -6.14 0.66 31.30
CA ASP A 130 -7.12 1.58 30.66
C ASP A 130 -7.36 1.33 29.15
N VAL A 131 -6.30 1.05 28.38
CA VAL A 131 -6.46 0.75 26.94
C VAL A 131 -7.34 -0.43 26.81
N ILE A 132 -7.09 -1.44 27.65
CA ILE A 132 -7.89 -2.67 27.63
C ILE A 132 -9.39 -2.42 27.90
N GLN A 133 -9.72 -1.73 28.99
CA GLN A 133 -11.12 -1.31 29.21
C GLN A 133 -11.73 -0.48 28.06
N VAL A 134 -11.00 0.49 27.48
CA VAL A 134 -11.65 1.27 26.42
C VAL A 134 -11.86 0.49 25.11
N SER A 135 -10.98 -0.49 24.85
CA SER A 135 -11.07 -1.30 23.65
C SER A 135 -12.24 -2.24 23.82
N LYS A 136 -12.43 -2.72 25.06
CA LYS A 136 -13.58 -3.56 25.39
C LYS A 136 -14.91 -2.89 25.09
N LYS A 137 -15.05 -1.63 25.49
CA LYS A 137 -16.20 -0.82 25.14
C LYS A 137 -16.27 -0.41 23.63
N PHE A 138 -15.19 0.12 23.08
CA PHE A 138 -15.33 0.85 21.84
C PHE A 138 -14.80 0.10 20.63
N LEU A 139 -14.11 -0.99 20.86
CA LEU A 139 -13.59 -1.83 19.75
C LEU A 139 -14.04 -3.29 19.96
N PRO A 140 -15.37 -3.50 19.97
CA PRO A 140 -15.86 -4.82 20.36
C PRO A 140 -15.40 -5.95 19.47
N GLY A 141 -15.13 -5.64 18.21
CA GLY A 141 -14.76 -6.64 17.22
C GLY A 141 -13.31 -7.06 17.33
N MET A 142 -12.50 -6.17 17.89
CA MET A 142 -11.11 -6.49 18.26
C MET A 142 -11.04 -7.17 19.62
N ALA A 143 -11.76 -6.64 20.62
CA ALA A 143 -11.63 -7.09 22.03
C ALA A 143 -12.28 -8.44 22.34
N ILE A 144 -12.93 -9.01 21.34
CA ILE A 144 -13.47 -10.36 21.41
C ILE A 144 -12.38 -11.41 21.79
N GLY A 145 -11.10 -11.13 21.49
CA GLY A 145 -9.96 -11.97 21.94
C GLY A 145 -9.86 -12.16 23.46
N TYR A 146 -10.32 -11.17 24.23
CA TYR A 146 -10.28 -11.26 25.68
C TYR A 146 -11.14 -12.32 26.33
N SER A 147 -12.09 -12.88 25.57
CA SER A 147 -12.93 -13.98 26.03
C SER A 147 -12.34 -15.36 25.71
N SER A 148 -11.20 -15.42 25.00
CA SER A 148 -10.51 -16.70 24.80
C SER A 148 -10.00 -17.29 26.12
N SER A 149 -10.14 -18.62 26.23
CA SER A 149 -9.67 -19.38 27.37
C SER A 149 -8.17 -19.70 27.27
N LYS A 150 -7.58 -19.39 26.11
CA LYS A 150 -6.16 -19.53 25.87
C LYS A 150 -5.38 -18.38 26.49
N LEU A 151 -6.05 -17.27 26.77
CA LEU A 151 -5.39 -16.08 27.31
C LEU A 151 -4.85 -16.19 28.77
N THR A 152 -3.57 -15.86 28.95
CA THR A 152 -3.04 -15.43 30.24
C THR A 152 -2.75 -13.92 30.16
N LEU A 153 -3.57 -13.07 30.79
CA LEU A 153 -3.33 -11.67 30.65
C LEU A 153 -2.26 -11.21 31.68
N HIS A 154 -1.23 -10.50 31.22
CA HIS A 154 -0.15 -10.02 32.13
C HIS A 154 -0.10 -8.50 32.15
N VAL A 155 0.35 -7.93 33.26
CA VAL A 155 0.45 -6.47 33.32
C VAL A 155 1.90 -6.06 33.42
N GLY A 156 2.25 -5.05 32.64
CA GLY A 156 3.52 -4.42 32.86
C GLY A 156 4.20 -4.00 31.60
N ASP A 157 5.41 -3.46 31.81
CA ASP A 157 6.35 -3.14 30.73
C ASP A 157 6.87 -4.44 30.11
N GLY A 158 6.58 -4.62 28.82
CA GLY A 158 7.06 -5.79 28.07
C GLY A 158 8.57 -5.97 27.98
N PHE A 159 9.31 -4.86 28.05
CA PHE A 159 10.80 -4.96 28.02
C PHE A 159 11.31 -5.74 29.25
N GLU A 160 10.94 -5.23 30.42
CA GLU A 160 11.33 -5.89 31.67
C GLU A 160 10.66 -7.25 31.79
N PHE A 161 9.40 -7.42 31.32
CA PHE A 161 8.71 -8.73 31.30
C PHE A 161 9.50 -9.78 30.51
N MET A 162 10.12 -9.37 29.40
CA MET A 162 10.86 -10.31 28.53
C MET A 162 11.98 -11.03 29.31
N LYS A 163 12.68 -10.29 30.19
CA LYS A 163 13.71 -10.81 31.11
C LYS A 163 13.32 -11.98 31.96
N GLN A 164 12.04 -12.10 32.25
CA GLN A 164 11.54 -13.16 33.06
C GLN A 164 11.55 -14.53 32.37
N ASN A 165 11.74 -14.53 31.06
CA ASN A 165 11.47 -15.74 30.23
C ASN A 165 12.70 -16.29 29.55
N GLN A 166 12.84 -17.62 29.59
CA GLN A 166 13.93 -18.29 28.88
C GLN A 166 13.44 -19.55 28.21
N ASP A 167 13.64 -19.71 26.91
CA ASP A 167 13.37 -20.99 26.24
C ASP A 167 11.88 -21.33 26.47
N ALA A 168 11.04 -20.32 26.38
CA ALA A 168 9.65 -20.40 26.85
C ALA A 168 8.52 -20.38 25.73
N PHE A 169 8.79 -19.67 24.62
CA PHE A 169 7.76 -19.32 23.64
C PHE A 169 8.15 -19.81 22.26
N ASP A 170 7.22 -20.45 21.57
CA ASP A 170 7.35 -20.70 20.12
C ASP A 170 7.30 -19.41 19.23
N VAL A 171 6.45 -18.45 19.59
CA VAL A 171 6.27 -17.28 18.79
C VAL A 171 6.13 -16.06 19.76
N ILE A 172 6.81 -14.99 19.41
CA ILE A 172 6.59 -13.68 20.07
C ILE A 172 6.22 -12.65 19.01
N ILE A 173 5.19 -11.90 19.32
CA ILE A 173 4.70 -10.83 18.48
C ILE A 173 4.68 -9.59 19.35
N THR A 174 5.21 -8.51 18.82
CA THR A 174 5.18 -7.21 19.46
C THR A 174 4.32 -6.26 18.56
N ASP A 175 3.20 -5.84 19.11
CA ASP A 175 2.28 -4.85 18.54
C ASP A 175 2.26 -3.62 19.49
N SER A 176 3.18 -2.69 19.20
CA SER A 176 3.46 -1.55 20.08
C SER A 176 2.67 -0.29 19.71
N SER A 177 2.37 0.56 20.71
CA SER A 177 2.11 1.95 20.40
C SER A 177 3.44 2.69 19.98
N ASP A 178 3.39 4.03 19.88
CA ASP A 178 4.48 4.87 19.34
C ASP A 178 5.73 5.01 20.25
N PRO A 179 6.94 5.15 19.63
CA PRO A 179 8.19 5.32 20.43
C PRO A 179 8.23 6.53 21.37
N MET A 180 7.21 7.40 21.35
CA MET A 180 7.15 8.56 22.25
C MET A 180 6.45 8.32 23.57
N GLY A 181 5.78 7.18 23.69
CA GLY A 181 5.01 6.89 24.89
C GLY A 181 5.66 5.81 25.72
N PRO A 182 4.85 4.96 26.38
CA PRO A 182 5.36 3.78 27.11
C PRO A 182 6.13 2.77 26.24
N ALA A 183 5.92 2.83 24.92
CA ALA A 183 6.48 1.89 23.98
C ALA A 183 7.95 2.14 23.69
N GLU A 184 8.46 3.28 24.16
CA GLU A 184 9.90 3.62 24.08
C GLU A 184 10.77 2.45 24.62
N SER A 185 10.38 1.89 25.76
CA SER A 185 11.20 0.85 26.39
C SER A 185 11.52 -0.31 25.44
N LEU A 186 10.53 -0.61 24.59
CA LEU A 186 10.58 -1.64 23.54
C LEU A 186 11.44 -1.28 22.31
N PHE A 187 12.04 -0.08 22.33
CA PHE A 187 12.89 0.37 21.22
C PHE A 187 14.40 0.25 21.48
N LYS A 188 14.75 -0.19 22.68
CA LYS A 188 16.10 -0.59 22.99
C LYS A 188 16.37 -1.88 22.17
N GLU A 189 17.19 -1.77 21.11
CA GLU A 189 17.62 -2.94 20.26
C GLU A 189 17.97 -4.25 21.05
N SER A 190 18.49 -4.11 22.28
CA SER A 190 18.60 -5.18 23.32
C SER A 190 17.26 -5.97 23.61
N TYR A 191 16.12 -5.37 23.35
CA TYR A 191 14.84 -6.09 23.36
C TYR A 191 14.85 -7.29 22.43
N TYR A 192 15.53 -7.17 21.28
CA TYR A 192 15.61 -8.32 20.36
C TYR A 192 16.42 -9.48 20.94
N GLN A 193 17.48 -9.18 21.67
CA GLN A 193 18.23 -10.25 22.37
C GLN A 193 17.40 -10.86 23.49
N LEU A 194 16.73 -10.02 24.27
CA LEU A 194 15.73 -10.51 25.22
C LEU A 194 14.69 -11.41 24.55
N MET A 195 14.17 -11.01 23.38
CA MET A 195 13.21 -11.84 22.69
C MET A 195 13.83 -13.16 22.29
N LYS A 196 15.05 -13.12 21.76
CA LYS A 196 15.76 -14.35 21.35
C LYS A 196 15.94 -15.34 22.53
N THR A 197 16.33 -14.82 23.69
CA THR A 197 16.44 -15.60 24.92
C THR A 197 15.13 -16.21 25.33
N ALA A 198 14.05 -15.44 25.23
CA ALA A 198 12.70 -15.88 25.62
C ALA A 198 12.09 -16.99 24.72
N LEU A 199 12.61 -17.07 23.52
CA LEU A 199 12.09 -17.96 22.47
C LEU A 199 12.65 -19.32 22.77
N LYS A 200 11.90 -20.36 22.41
CA LYS A 200 12.45 -21.71 22.34
C LYS A 200 13.57 -21.80 21.31
N GLU A 201 14.26 -22.92 21.27
CA GLU A 201 15.31 -23.19 20.31
C GLU A 201 15.01 -22.90 18.84
N ASP A 202 13.80 -23.24 18.42
CA ASP A 202 13.38 -23.04 17.06
C ASP A 202 12.26 -21.96 16.99
N GLY A 203 12.27 -21.00 17.91
CA GLY A 203 11.23 -20.00 17.94
C GLY A 203 11.35 -18.92 16.90
N VAL A 204 10.21 -18.27 16.65
CA VAL A 204 10.13 -17.16 15.68
C VAL A 204 9.50 -15.91 16.31
N LEU A 205 9.88 -14.75 15.79
CA LEU A 205 9.23 -13.54 16.25
C LEU A 205 8.82 -12.69 15.06
N CYS A 206 7.85 -11.85 15.33
CA CYS A 206 7.40 -10.85 14.38
C CYS A 206 7.22 -9.54 15.18
N CYS A 207 7.93 -8.53 14.77
CA CYS A 207 7.78 -7.18 15.32
C CYS A 207 7.27 -6.20 14.29
N GLN A 208 6.55 -5.17 14.71
CA GLN A 208 6.25 -4.05 13.82
C GLN A 208 7.56 -3.43 13.30
N GLY A 209 7.70 -3.31 11.97
CA GLY A 209 9.02 -3.04 11.38
C GLY A 209 9.46 -1.86 10.53
N GLU A 210 8.69 -0.78 10.55
CA GLU A 210 8.93 0.48 9.79
C GLU A 210 8.30 0.48 8.39
N CYS A 211 7.79 1.65 7.99
CA CYS A 211 7.26 1.84 6.65
C CYS A 211 8.40 2.04 5.67
N GLN A 212 8.48 1.21 4.65
CA GLN A 212 9.57 1.37 3.67
C GLN A 212 9.55 2.66 2.82
N TRP A 213 8.40 3.32 2.77
CA TRP A 213 8.35 4.61 2.09
C TRP A 213 8.80 5.77 3.01
N LEU A 214 9.04 5.49 4.28
CA LEU A 214 9.25 6.58 5.30
C LEU A 214 10.59 6.50 6.03
N HIS A 215 11.07 5.29 6.33
CA HIS A 215 12.29 5.08 7.13
C HIS A 215 12.98 3.80 6.68
N LEU A 216 13.21 3.73 5.37
CA LEU A 216 14.01 2.68 4.76
C LEU A 216 15.41 2.51 5.42
N ASP A 217 16.05 3.63 5.74
CA ASP A 217 17.33 3.60 6.49
C ASP A 217 17.28 2.86 7.84
N LEU A 218 16.20 2.99 8.60
CA LEU A 218 16.08 2.27 9.84
C LEU A 218 15.85 0.77 9.67
N ILE A 219 15.15 0.39 8.59
CA ILE A 219 14.89 -1.00 8.27
C ILE A 219 16.19 -1.72 7.94
N LYS A 220 17.02 -1.05 7.14
CA LYS A 220 18.32 -1.57 6.75
C LYS A 220 19.18 -1.77 8.02
N GLU A 221 19.29 -0.75 8.89
CA GLU A 221 19.99 -0.84 10.18
C GLU A 221 19.43 -1.95 11.10
N MET A 222 18.10 -2.01 11.24
CA MET A 222 17.46 -3.05 12.04
C MET A 222 17.70 -4.46 11.45
N ARG A 223 17.53 -4.63 10.15
CA ARG A 223 17.89 -5.88 9.48
C ARG A 223 19.32 -6.35 9.81
N GLN A 224 20.30 -5.46 9.77
CA GLN A 224 21.69 -5.81 9.97
C GLN A 224 21.93 -6.19 11.42
N PHE A 225 21.29 -5.49 12.31
CA PHE A 225 21.31 -5.82 13.72
C PHE A 225 20.73 -7.21 14.00
N CYS A 226 19.49 -7.42 13.55
CA CYS A 226 18.83 -8.72 13.65
C CYS A 226 19.63 -9.87 13.05
N GLN A 227 20.27 -9.59 11.91
CA GLN A 227 21.10 -10.58 11.21
C GLN A 227 22.26 -11.09 12.04
N SER A 228 22.78 -10.29 12.96
CA SER A 228 23.91 -10.82 13.74
C SER A 228 23.47 -11.51 15.06
N LEU A 229 22.16 -11.48 15.35
CA LEU A 229 21.51 -12.20 16.45
C LEU A 229 20.87 -13.51 15.97
N PHE A 230 20.33 -13.54 14.75
CA PHE A 230 19.45 -14.66 14.27
C PHE A 230 19.91 -15.22 12.91
N PRO A 231 19.81 -16.56 12.70
CA PRO A 231 20.22 -17.07 11.37
C PRO A 231 19.29 -16.67 10.20
N VAL A 232 18.04 -16.30 10.50
CA VAL A 232 17.06 -15.97 9.48
C VAL A 232 16.29 -14.70 9.88
N VAL A 233 16.48 -13.65 9.08
CA VAL A 233 15.82 -12.35 9.22
C VAL A 233 15.15 -12.01 7.88
N ALA A 234 13.89 -11.56 7.92
CA ALA A 234 13.17 -11.17 6.71
C ALA A 234 12.34 -9.90 6.93
N TYR A 235 12.09 -9.12 5.88
CA TYR A 235 11.14 -7.99 6.02
C TYR A 235 9.92 -8.20 5.09
N ALA A 236 8.72 -7.99 5.64
CA ALA A 236 7.51 -8.09 4.89
C ALA A 236 6.66 -6.82 5.22
N TYR A 237 5.60 -6.58 4.43
CA TYR A 237 4.68 -5.43 4.62
C TYR A 237 3.29 -5.79 4.19
N CYS A 238 2.36 -4.95 4.64
CA CYS A 238 0.96 -5.01 4.22
C CYS A 238 0.44 -3.56 4.04
N THR A 239 -0.64 -3.42 3.29
CA THR A 239 -1.30 -2.13 3.10
C THR A 239 -2.47 -1.94 4.08
N ILE A 240 -2.63 -0.70 4.53
CA ILE A 240 -3.63 -0.34 5.51
C ILE A 240 -3.82 1.17 5.39
N PRO A 241 -4.93 1.59 4.73
CA PRO A 241 -5.14 3.01 4.39
C PRO A 241 -4.77 4.01 5.53
N THR A 242 -5.00 3.62 6.76
CA THR A 242 -4.93 4.57 7.85
C THR A 242 -3.60 4.50 8.63
N TYR A 243 -2.63 3.74 8.13
CA TYR A 243 -1.22 3.92 8.59
C TYR A 243 -0.54 4.99 7.74
N PRO A 244 0.45 5.70 8.31
CA PRO A 244 1.13 6.74 7.48
C PRO A 244 1.70 6.11 6.20
N SER A 245 1.44 6.80 5.08
CA SER A 245 1.79 6.38 3.71
C SER A 245 1.11 5.08 3.29
N GLY A 246 0.12 4.66 4.09
CA GLY A 246 -0.81 3.60 3.75
C GLY A 246 -0.32 2.16 3.79
N GLN A 247 0.69 1.93 4.61
CA GLN A 247 1.25 0.59 4.73
C GLN A 247 2.25 0.53 5.87
N ILE A 248 2.58 -0.69 6.26
CA ILE A 248 3.61 -0.91 7.27
C ILE A 248 4.29 -2.24 7.09
N GLY A 249 5.47 -2.30 7.67
CA GLY A 249 6.31 -3.50 7.59
C GLY A 249 6.43 -4.23 8.93
N PHE A 250 7.08 -5.39 8.83
CA PHE A 250 7.24 -6.35 9.90
C PHE A 250 8.64 -6.88 9.85
N MET A 251 9.30 -6.92 10.99
N MET A 251 9.27 -6.91 11.01
CA MET A 251 10.54 -7.68 11.08
CA MET A 251 10.51 -7.66 11.18
C MET A 251 10.22 -9.07 11.58
C MET A 251 10.16 -9.09 11.58
N LEU A 252 10.71 -10.05 10.84
CA LEU A 252 10.59 -11.46 11.16
C LEU A 252 11.99 -12.04 11.36
N CYS A 253 12.15 -12.76 12.48
CA CYS A 253 13.41 -13.39 12.89
C CYS A 253 13.18 -14.83 13.34
N SER A 254 14.03 -15.73 12.89
CA SER A 254 13.92 -17.09 13.38
C SER A 254 15.23 -17.53 14.00
N LYS A 255 15.13 -18.24 15.11
CA LYS A 255 16.28 -18.96 15.65
C LYS A 255 16.52 -20.29 14.89
N ASN A 256 15.59 -20.66 14.03
CA ASN A 256 15.68 -21.90 13.23
C ASN A 256 16.35 -21.55 11.87
N PRO A 257 17.58 -22.05 11.61
CA PRO A 257 18.21 -21.64 10.35
C PRO A 257 17.50 -22.18 9.09
N SER A 258 16.58 -23.14 9.25
CA SER A 258 15.80 -23.68 8.13
C SER A 258 14.49 -22.93 7.83
N THR A 259 14.11 -22.02 8.73
CA THR A 259 12.95 -21.18 8.48
C THR A 259 13.10 -20.48 7.16
N ASN A 260 12.10 -20.60 6.28
CA ASN A 260 12.01 -19.85 5.01
C ASN A 260 10.74 -18.98 5.14
N PHE A 261 10.89 -17.78 5.67
CA PHE A 261 9.75 -16.90 5.95
C PHE A 261 8.89 -16.60 4.72
N GLN A 262 9.51 -16.48 3.54
CA GLN A 262 8.77 -16.16 2.33
C GLN A 262 7.86 -17.29 1.82
N GLU A 263 8.18 -18.54 2.14
CA GLU A 263 7.30 -19.67 1.82
C GLU A 263 6.67 -20.29 3.08
N PRO A 264 5.36 -20.01 3.38
CA PRO A 264 4.85 -20.49 4.66
C PRO A 264 5.00 -22.03 4.87
N VAL A 265 5.69 -22.44 5.95
CA VAL A 265 5.77 -23.85 6.34
C VAL A 265 4.34 -24.43 6.65
N GLN A 266 3.41 -23.60 7.15
CA GLN A 266 1.99 -24.01 7.32
C GLN A 266 1.14 -23.23 6.28
N PRO A 267 1.06 -23.74 5.04
CA PRO A 267 0.17 -23.00 4.15
C PRO A 267 -1.29 -23.22 4.55
N LEU A 268 -2.07 -22.14 4.69
CA LEU A 268 -3.50 -22.25 4.99
C LEU A 268 -4.25 -22.70 3.73
N THR A 269 -5.20 -23.59 3.92
CA THR A 269 -6.09 -23.99 2.83
C THR A 269 -7.15 -22.94 2.73
N GLN A 270 -7.87 -22.90 1.61
CA GLN A 270 -9.03 -21.96 1.49
C GLN A 270 -10.11 -22.19 2.56
N GLN A 271 -10.33 -23.47 2.88
CA GLN A 271 -11.27 -23.82 3.95
C GLN A 271 -10.81 -23.24 5.28
N GLN A 272 -9.51 -23.29 5.53
CA GLN A 272 -8.99 -22.67 6.74
C GLN A 272 -9.19 -21.16 6.74
N VAL A 273 -8.76 -20.49 5.68
CA VAL A 273 -9.01 -19.05 5.46
C VAL A 273 -10.48 -18.59 5.68
N ALA A 274 -11.42 -19.32 5.05
CA ALA A 274 -12.89 -19.16 5.27
C ALA A 274 -13.32 -19.32 6.77
N GLN A 275 -12.89 -20.44 7.38
CA GLN A 275 -13.26 -20.75 8.73
C GLN A 275 -12.71 -19.69 9.72
N MET A 276 -11.53 -19.15 9.41
CA MET A 276 -10.88 -18.19 10.28
C MET A 276 -11.48 -16.77 10.04
N GLN A 277 -12.36 -16.65 9.02
CA GLN A 277 -13.02 -15.37 8.68
C GLN A 277 -11.96 -14.34 8.25
N LEU A 278 -10.87 -14.81 7.63
CA LEU A 278 -9.79 -13.87 7.24
C LEU A 278 -10.20 -12.95 6.05
N LYS A 279 -9.86 -11.68 6.17
CA LYS A 279 -10.24 -10.67 5.24
C LYS A 279 -9.00 -10.12 4.50
N TYR A 280 -7.80 -10.44 4.96
CA TYR A 280 -6.59 -9.96 4.29
C TYR A 280 -5.64 -11.11 3.96
N TYR A 281 -5.29 -11.87 5.01
CA TYR A 281 -4.26 -12.88 4.93
C TYR A 281 -4.73 -14.13 4.16
N ASN A 282 -3.83 -14.66 3.36
CA ASN A 282 -3.90 -16.05 2.86
C ASN A 282 -2.47 -16.40 2.50
N SER A 283 -2.24 -17.60 1.96
CA SER A 283 -0.93 -18.10 1.56
C SER A 283 -0.18 -17.32 0.49
N ASP A 284 -0.92 -16.86 -0.53
CA ASP A 284 -0.34 -16.11 -1.61
C ASP A 284 0.01 -14.76 -1.11
N VAL A 285 -0.86 -14.19 -0.31
CA VAL A 285 -0.60 -12.87 0.27
C VAL A 285 0.64 -12.93 1.20
N HIS A 286 0.78 -14.03 1.94
CA HIS A 286 1.97 -14.28 2.78
C HIS A 286 3.24 -14.15 1.90
N ARG A 287 3.30 -14.92 0.81
CA ARG A 287 4.43 -14.86 -0.14
C ARG A 287 4.70 -13.46 -0.74
N ALA A 288 3.65 -12.81 -1.24
CA ALA A 288 3.84 -11.54 -1.92
C ALA A 288 4.28 -10.43 -0.98
N ALA A 289 3.93 -10.55 0.31
CA ALA A 289 4.23 -9.52 1.34
C ALA A 289 5.74 -9.28 1.49
N PHE A 290 6.52 -10.26 1.04
CA PHE A 290 8.01 -10.22 1.02
C PHE A 290 8.62 -9.63 -0.25
N VAL A 291 7.80 -9.42 -1.28
CA VAL A 291 8.26 -8.86 -2.57
C VAL A 291 8.24 -7.31 -2.48
N LEU A 292 9.41 -6.70 -2.45
CA LEU A 292 9.45 -5.26 -2.13
C LEU A 292 9.61 -4.47 -3.43
N PRO A 293 9.15 -3.19 -3.42
CA PRO A 293 9.52 -2.28 -4.54
C PRO A 293 11.04 -2.28 -4.73
N GLU A 294 11.49 -2.09 -5.98
CA GLU A 294 12.89 -2.18 -6.34
C GLU A 294 13.83 -1.35 -5.41
N PHE A 295 13.44 -0.10 -5.15
CA PHE A 295 14.23 0.76 -4.26
C PHE A 295 14.54 0.06 -2.90
N ALA A 296 13.58 -0.64 -2.32
CA ALA A 296 13.72 -1.27 -1.01
C ALA A 296 14.43 -2.62 -1.13
N ARG A 297 14.14 -3.37 -2.16
CA ARG A 297 14.84 -4.61 -2.41
C ARG A 297 16.36 -4.32 -2.52
N LYS A 298 16.71 -3.29 -3.30
CA LYS A 298 18.08 -2.85 -3.49
C LYS A 298 18.75 -2.46 -2.15
N ALA A 299 18.04 -1.68 -1.35
CA ALA A 299 18.59 -1.14 -0.13
C ALA A 299 18.93 -2.25 0.85
N LEU A 300 18.04 -3.22 0.98
CA LEU A 300 18.14 -4.31 1.94
C LEU A 300 18.90 -5.53 1.47
N ASN A 301 19.20 -5.61 0.18
CA ASN A 301 19.85 -6.81 -0.37
C ASN A 301 21.18 -6.55 -1.01
N ASP A 302 21.23 -5.48 -1.79
CA ASP A 302 22.46 -5.12 -2.49
C ASP A 302 23.48 -4.47 -1.51
N ALA B 17 -7.47 24.59 -1.99
CA ALA B 17 -7.01 25.60 -0.95
C ALA B 17 -5.75 25.23 -0.14
N ILE B 18 -4.81 26.19 -0.08
CA ILE B 18 -3.76 26.11 0.95
C ILE B 18 -4.23 26.93 2.16
N ARG B 19 -4.18 26.33 3.35
CA ARG B 19 -4.52 27.03 4.60
C ARG B 19 -3.50 26.68 5.69
N GLU B 20 -2.96 27.72 6.30
CA GLU B 20 -2.00 27.59 7.41
C GLU B 20 -0.80 26.69 7.08
N GLY B 21 -0.35 26.77 5.82
CA GLY B 21 0.85 26.07 5.34
C GLY B 21 0.61 24.65 4.85
N TRP B 22 -0.67 24.26 4.74
CA TRP B 22 -1.01 22.90 4.34
C TRP B 22 -1.96 22.86 3.17
N PHE B 23 -1.71 21.92 2.26
CA PHE B 23 -2.69 21.64 1.24
C PHE B 23 -3.44 20.40 1.67
N ARG B 24 -4.76 20.50 1.67
CA ARG B 24 -5.63 19.37 2.03
C ARG B 24 -6.53 18.93 0.88
N GLU B 25 -6.40 17.66 0.51
CA GLU B 25 -7.16 17.02 -0.60
C GLU B 25 -8.40 16.30 -0.05
N THR B 26 -9.60 16.73 -0.49
CA THR B 26 -10.87 16.03 -0.23
C THR B 26 -11.60 15.75 -1.55
N CYS B 27 -12.40 14.70 -1.59
CA CYS B 27 -13.09 14.28 -2.80
C CYS B 27 -14.17 13.34 -2.38
N SER B 28 -15.37 13.55 -2.92
CA SER B 28 -16.53 12.74 -2.54
C SER B 28 -16.33 11.27 -2.91
N LEU B 29 -15.31 11.00 -3.72
CA LEU B 29 -14.98 9.62 -4.13
C LEU B 29 -14.15 8.90 -3.05
N TRP B 30 -13.69 9.67 -2.08
CA TRP B 30 -13.10 9.06 -0.88
C TRP B 30 -13.58 9.82 0.34
N PRO B 31 -14.88 9.63 0.67
CA PRO B 31 -15.52 10.47 1.69
C PRO B 31 -14.93 10.18 3.07
N GLY B 32 -14.77 11.25 3.87
CA GLY B 32 -14.42 11.09 5.26
C GLY B 32 -12.95 10.90 5.50
N GLN B 33 -12.15 11.06 4.44
CA GLN B 33 -10.72 10.92 4.59
C GLN B 33 -10.02 11.99 3.74
N ALA B 34 -8.85 12.44 4.23
CA ALA B 34 -8.01 13.46 3.59
C ALA B 34 -6.54 13.29 3.81
N LEU B 35 -5.79 13.41 2.70
CA LEU B 35 -4.34 13.67 2.72
C LEU B 35 -4.09 15.18 2.80
N SER B 36 -3.29 15.64 3.77
CA SER B 36 -2.70 16.95 3.67
C SER B 36 -1.20 16.89 3.46
N LEU B 37 -0.71 17.75 2.58
CA LEU B 37 0.73 17.96 2.37
C LEU B 37 1.13 19.37 2.80
N GLN B 38 2.21 19.46 3.57
CA GLN B 38 2.78 20.77 3.95
C GLN B 38 3.45 21.49 2.75
N VAL B 39 3.07 22.76 2.61
CA VAL B 39 3.48 23.63 1.52
C VAL B 39 4.69 24.46 1.98
N GLU B 40 5.78 24.37 1.21
CA GLU B 40 6.91 25.29 1.36
C GLU B 40 6.66 26.54 0.52
N GLN B 41 6.18 26.34 -0.71
CA GLN B 41 5.99 27.47 -1.60
C GLN B 41 4.90 27.16 -2.66
N LEU B 42 3.88 28.02 -2.71
CA LEU B 42 3.04 28.12 -3.91
C LEU B 42 3.85 28.45 -5.17
N LEU B 43 3.65 27.72 -6.26
CA LEU B 43 4.48 27.97 -7.48
C LEU B 43 3.70 28.43 -8.73
N HIS B 44 2.46 27.95 -8.84
CA HIS B 44 1.60 28.15 -9.98
C HIS B 44 0.14 27.86 -9.63
N HIS B 45 -0.78 28.75 -10.03
CA HIS B 45 -2.19 28.51 -9.81
C HIS B 45 -3.07 29.25 -10.83
N ARG B 46 -3.41 28.53 -11.91
CA ARG B 46 -4.20 29.08 -13.02
C ARG B 46 -5.12 28.03 -13.63
N ARG B 47 -6.29 28.48 -14.08
CA ARG B 47 -7.27 27.65 -14.88
C ARG B 47 -6.92 27.69 -16.34
N SER B 48 -6.88 26.49 -16.96
CA SER B 48 -6.64 26.37 -18.38
C SER B 48 -8.04 26.39 -18.98
N ARG B 49 -8.16 26.23 -20.31
CA ARG B 49 -9.46 25.94 -20.97
C ARG B 49 -10.27 24.87 -20.25
N TYR B 50 -9.56 23.92 -19.63
CA TYR B 50 -10.18 22.64 -19.27
C TYR B 50 -10.29 22.41 -17.80
N GLN B 51 -9.38 23.00 -17.03
CA GLN B 51 -9.28 22.66 -15.60
C GLN B 51 -8.42 23.61 -14.82
N ASP B 52 -8.58 23.53 -13.51
CA ASP B 52 -7.77 24.30 -12.61
C ASP B 52 -6.43 23.59 -12.30
N ILE B 53 -5.34 24.32 -12.48
CA ILE B 53 -3.99 23.80 -12.33
C ILE B 53 -3.24 24.46 -11.19
N LEU B 54 -2.81 23.63 -10.23
CA LEU B 54 -2.16 24.08 -9.04
C LEU B 54 -0.86 23.29 -8.84
N VAL B 55 0.26 24.03 -8.78
CA VAL B 55 1.58 23.45 -8.47
C VAL B 55 2.13 24.10 -7.19
N PHE B 56 2.61 23.28 -6.26
CA PHE B 56 3.36 23.80 -5.12
C PHE B 56 4.58 22.98 -4.88
N ARG B 57 5.59 23.62 -4.26
CA ARG B 57 6.72 22.94 -3.69
C ARG B 57 6.29 22.53 -2.28
N SER B 58 6.24 21.21 -2.08
CA SER B 58 5.88 20.72 -0.77
C SER B 58 7.18 20.62 0.02
N LYS B 59 7.01 20.55 1.33
CA LYS B 59 8.07 20.42 2.30
C LYS B 59 8.85 19.10 2.14
N THR B 60 8.14 17.99 1.95
CA THR B 60 8.78 16.65 1.98
C THR B 60 8.51 15.72 0.76
N TYR B 61 7.66 16.18 -0.16
CA TYR B 61 7.29 15.39 -1.36
C TYR B 61 7.71 16.01 -2.71
N GLY B 62 8.55 17.04 -2.68
CA GLY B 62 9.02 17.64 -3.93
C GLY B 62 7.90 18.49 -4.44
N ASN B 63 7.93 18.74 -5.75
CA ASN B 63 6.84 19.46 -6.39
C ASN B 63 5.59 18.59 -6.51
N VAL B 64 4.45 19.24 -6.32
CA VAL B 64 3.14 18.58 -6.37
C VAL B 64 2.19 19.25 -7.43
N LEU B 65 1.70 18.41 -8.34
CA LEU B 65 0.72 18.82 -9.35
C LEU B 65 -0.67 18.40 -8.95
N VAL B 66 -1.57 19.40 -8.94
CA VAL B 66 -2.99 19.24 -8.52
C VAL B 66 -3.86 19.78 -9.65
N LEU B 67 -4.82 18.96 -10.10
CA LEU B 67 -5.76 19.33 -11.18
C LEU B 67 -7.18 19.29 -10.62
N ASP B 68 -7.87 20.41 -10.70
CA ASP B 68 -9.21 20.58 -10.10
C ASP B 68 -9.25 20.11 -8.65
N GLY B 69 -8.17 20.37 -7.91
CA GLY B 69 -8.13 20.05 -6.50
C GLY B 69 -7.70 18.62 -6.15
N VAL B 70 -7.47 17.80 -7.14
CA VAL B 70 -7.06 16.43 -6.86
C VAL B 70 -5.56 16.26 -7.23
N ILE B 71 -4.73 15.76 -6.30
CA ILE B 71 -3.31 15.50 -6.57
C ILE B 71 -3.18 14.57 -7.77
N GLN B 72 -2.41 15.00 -8.77
CA GLN B 72 -2.02 14.12 -9.91
C GLN B 72 -0.74 13.38 -9.63
N CYS B 73 0.23 14.08 -9.04
CA CYS B 73 1.55 13.52 -8.78
C CYS B 73 2.45 14.39 -7.90
N THR B 74 3.38 13.73 -7.24
CA THR B 74 4.42 14.37 -6.45
C THR B 74 5.72 13.81 -6.99
N GLU B 75 6.75 14.66 -7.01
CA GLU B 75 8.05 14.27 -7.53
C GLU B 75 8.69 13.09 -6.78
N ARG B 76 8.44 13.02 -5.47
CA ARG B 76 9.01 12.03 -4.55
C ARG B 76 8.52 10.61 -4.80
N ASP B 77 7.22 10.48 -5.07
CA ASP B 77 6.64 9.17 -5.27
C ASP B 77 6.09 8.79 -6.63
N GLU B 78 6.09 9.73 -7.60
CA GLU B 78 5.44 9.51 -8.92
C GLU B 78 5.94 8.26 -9.61
N PHE B 79 7.19 7.89 -9.34
CA PHE B 79 7.83 6.75 -10.03
C PHE B 79 7.09 5.40 -9.92
N SER B 80 6.43 5.12 -8.79
CA SER B 80 5.76 3.82 -8.67
C SER B 80 4.68 3.73 -9.72
N TYR B 81 3.78 4.71 -9.72
CA TYR B 81 2.68 4.79 -10.70
C TYR B 81 3.17 4.75 -12.18
N GLN B 82 4.10 5.64 -12.52
CA GLN B 82 4.67 5.79 -13.87
C GLN B 82 5.25 4.47 -14.39
N GLU B 83 6.08 3.84 -13.58
CA GLU B 83 6.75 2.59 -13.95
C GLU B 83 5.77 1.42 -14.06
N MET B 84 4.80 1.32 -13.16
CA MET B 84 3.90 0.16 -13.19
C MET B 84 2.92 0.21 -14.36
N ILE B 85 2.36 1.40 -14.59
CA ILE B 85 1.42 1.60 -15.68
C ILE B 85 2.04 1.36 -17.03
N ALA B 86 3.34 1.68 -17.19
CA ALA B 86 4.06 1.41 -18.45
C ALA B 86 4.54 -0.04 -18.54
N ASN B 87 5.20 -0.56 -17.50
CA ASN B 87 5.82 -1.90 -17.59
C ASN B 87 4.93 -3.12 -17.41
N LEU B 88 3.81 -2.94 -16.71
CA LEU B 88 2.82 -3.98 -16.60
C LEU B 88 2.28 -4.41 -17.96
N PRO B 89 1.77 -3.45 -18.82
CA PRO B 89 1.41 -3.91 -20.16
C PRO B 89 2.63 -4.17 -21.09
N LEU B 90 3.70 -3.37 -20.99
CA LEU B 90 4.76 -3.53 -21.98
C LEU B 90 5.51 -4.84 -21.82
N CYS B 91 5.72 -5.26 -20.56
CA CYS B 91 6.35 -6.53 -20.26
C CYS B 91 5.42 -7.75 -20.42
N SER B 92 4.15 -7.49 -20.67
CA SER B 92 3.14 -8.53 -20.95
C SER B 92 2.86 -8.69 -22.45
N HIS B 93 3.59 -7.93 -23.27
CA HIS B 93 3.52 -8.00 -24.71
C HIS B 93 4.86 -8.57 -25.22
N PRO B 94 4.83 -9.58 -26.10
CA PRO B 94 6.09 -10.15 -26.64
C PRO B 94 7.01 -9.21 -27.41
N ASN B 95 6.45 -8.22 -28.13
CA ASN B 95 7.22 -7.26 -28.91
C ASN B 95 6.42 -5.95 -29.11
N PRO B 96 6.29 -5.14 -28.04
CA PRO B 96 5.51 -3.90 -28.29
C PRO B 96 6.24 -2.78 -29.08
N ARG B 97 5.77 -2.45 -30.27
CA ARG B 97 6.50 -1.54 -31.14
C ARG B 97 5.84 -0.20 -31.26
N LYS B 98 4.51 -0.24 -31.23
CA LYS B 98 3.67 0.93 -31.41
C LYS B 98 2.80 1.17 -30.16
N VAL B 99 3.00 2.31 -29.51
CA VAL B 99 2.39 2.58 -28.24
C VAL B 99 1.53 3.85 -28.34
N LEU B 100 0.46 3.86 -27.57
CA LEU B 100 -0.48 4.97 -27.50
C LEU B 100 -0.61 5.26 -26.05
N ILE B 101 -0.36 6.49 -25.68
CA ILE B 101 -0.64 7.01 -24.35
C ILE B 101 -1.76 8.01 -24.46
N ILE B 102 -2.82 7.81 -23.68
CA ILE B 102 -3.88 8.80 -23.53
C ILE B 102 -3.69 9.56 -22.21
N GLY B 103 -3.66 10.90 -22.30
CA GLY B 103 -3.34 11.76 -21.17
C GLY B 103 -1.83 11.80 -20.97
N GLY B 104 -1.36 11.57 -19.75
CA GLY B 104 0.07 11.62 -19.44
C GLY B 104 0.74 12.97 -19.65
N GLY B 105 0.02 14.06 -19.33
CA GLY B 105 0.53 15.41 -19.61
C GLY B 105 1.88 15.67 -18.98
N ASP B 106 2.17 14.95 -17.90
CA ASP B 106 3.37 15.27 -17.15
C ASP B 106 4.62 14.68 -17.81
N GLY B 107 4.42 13.74 -18.74
CA GLY B 107 5.54 13.13 -19.49
C GLY B 107 6.07 11.89 -18.82
N GLY B 108 5.68 11.67 -17.57
CA GLY B 108 6.09 10.51 -16.77
C GLY B 108 5.96 9.15 -17.44
N VAL B 109 4.75 8.85 -17.97
CA VAL B 109 4.56 7.51 -18.59
C VAL B 109 5.39 7.41 -19.86
N LEU B 110 5.41 8.52 -20.60
CA LEU B 110 6.24 8.63 -21.81
C LEU B 110 7.69 8.32 -21.48
N ARG B 111 8.20 8.99 -20.45
CA ARG B 111 9.53 8.71 -19.93
C ARG B 111 9.78 7.20 -19.77
N GLU B 112 8.87 6.53 -19.07
CA GLU B 112 9.03 5.11 -18.84
C GLU B 112 8.91 4.26 -20.08
N VAL B 113 7.99 4.58 -20.98
CA VAL B 113 7.79 3.81 -22.22
C VAL B 113 8.98 3.79 -23.16
N VAL B 114 9.59 4.93 -23.39
CA VAL B 114 10.66 5.03 -24.41
C VAL B 114 11.97 4.33 -24.02
N LYS B 115 12.10 3.96 -22.74
CA LYS B 115 13.17 3.10 -22.25
C LYS B 115 13.24 1.75 -22.92
N HIS B 116 12.13 1.29 -23.51
CA HIS B 116 12.11 -0.04 -24.14
C HIS B 116 12.70 0.00 -25.56
N PRO B 117 13.78 -0.74 -25.80
CA PRO B 117 14.29 -0.78 -27.19
C PRO B 117 13.26 -1.23 -28.27
N SER B 118 12.35 -2.14 -27.91
CA SER B 118 11.32 -2.58 -28.85
C SER B 118 10.41 -1.43 -29.36
N VAL B 119 10.14 -0.42 -28.53
CA VAL B 119 9.23 0.68 -28.92
C VAL B 119 9.81 1.59 -30.00
N GLU B 120 9.10 1.70 -31.14
CA GLU B 120 9.49 2.62 -32.23
C GLU B 120 8.78 3.96 -32.20
N SER B 121 7.52 3.96 -31.81
CA SER B 121 6.82 5.22 -31.68
C SER B 121 5.83 5.10 -30.58
N VAL B 122 5.61 6.26 -29.97
CA VAL B 122 4.63 6.46 -28.97
C VAL B 122 3.93 7.69 -29.47
N VAL B 123 2.63 7.52 -29.73
CA VAL B 123 1.70 8.62 -29.87
C VAL B 123 1.17 8.90 -28.46
N GLN B 124 1.14 10.18 -28.09
CA GLN B 124 0.49 10.63 -26.87
C GLN B 124 -0.56 11.68 -27.24
N CYS B 125 -1.81 11.43 -26.79
CA CYS B 125 -2.92 12.32 -27.03
C CYS B 125 -3.35 12.92 -25.66
N GLU B 126 -3.00 14.20 -25.49
CA GLU B 126 -3.27 15.00 -24.28
C GLU B 126 -4.26 16.15 -24.60
N ILE B 127 -5.30 16.33 -23.79
CA ILE B 127 -6.29 17.30 -24.12
C ILE B 127 -5.74 18.71 -23.83
N ASP B 128 -4.93 18.84 -22.79
CA ASP B 128 -4.69 20.18 -22.23
C ASP B 128 -3.23 20.59 -22.32
N GLU B 129 -2.86 21.26 -23.42
CA GLU B 129 -1.46 21.68 -23.53
C GLU B 129 -0.83 22.61 -22.47
N ASP B 130 -1.65 23.22 -21.62
CA ASP B 130 -1.14 23.94 -20.46
C ASP B 130 -0.57 23.03 -19.38
N VAL B 131 -1.08 21.80 -19.24
CA VAL B 131 -0.49 20.83 -18.30
C VAL B 131 0.88 20.49 -18.81
N ILE B 132 0.99 20.32 -20.12
CA ILE B 132 2.31 20.03 -20.70
C ILE B 132 3.31 21.15 -20.40
N GLN B 133 2.90 22.40 -20.59
CA GLN B 133 3.77 23.53 -20.30
C GLN B 133 4.07 23.66 -18.81
N VAL B 134 3.09 23.52 -17.91
CA VAL B 134 3.48 23.55 -16.49
C VAL B 134 4.38 22.41 -16.00
N SER B 135 4.24 21.20 -16.55
CA SER B 135 5.05 20.04 -16.16
C SER B 135 6.47 20.17 -16.63
N LYS B 136 6.67 20.65 -17.84
CA LYS B 136 8.01 20.93 -18.42
C LYS B 136 8.76 21.93 -17.52
N LYS B 137 8.03 22.93 -16.95
CA LYS B 137 8.64 23.78 -15.93
C LYS B 137 8.83 23.13 -14.49
N PHE B 138 7.77 22.52 -13.96
CA PHE B 138 7.71 22.22 -12.54
C PHE B 138 7.94 20.75 -12.18
N LEU B 139 7.91 19.91 -13.22
CA LEU B 139 8.10 18.46 -13.07
C LEU B 139 9.16 17.98 -14.06
N PRO B 140 10.39 18.51 -13.91
CA PRO B 140 11.39 18.28 -14.94
C PRO B 140 11.90 16.84 -15.00
N GLY B 141 11.73 16.05 -13.94
CA GLY B 141 12.17 14.65 -13.98
C GLY B 141 11.13 13.75 -14.66
N MET B 142 9.92 14.29 -14.76
CA MET B 142 8.83 13.62 -15.48
C MET B 142 8.83 14.11 -16.93
N ALA B 143 8.92 15.43 -17.13
CA ALA B 143 8.84 16.01 -18.50
C ALA B 143 10.01 15.69 -19.44
N ILE B 144 11.04 15.06 -18.90
CA ILE B 144 12.13 14.53 -19.69
C ILE B 144 11.65 13.54 -20.81
N GLY B 145 10.46 12.96 -20.64
CA GLY B 145 9.80 12.16 -21.72
C GLY B 145 9.67 12.88 -23.06
N TYR B 146 9.36 14.17 -23.01
CA TYR B 146 9.17 15.01 -24.20
C TYR B 146 10.39 15.18 -25.11
N SER B 147 11.56 14.86 -24.55
CA SER B 147 12.85 14.81 -25.24
C SER B 147 12.96 13.68 -26.27
N SER B 148 12.12 12.65 -26.13
CA SER B 148 12.22 11.44 -26.94
C SER B 148 11.91 11.63 -28.44
N SER B 149 12.79 11.09 -29.28
CA SER B 149 12.60 10.98 -30.74
C SER B 149 11.39 10.09 -31.15
N LYS B 150 10.91 9.27 -30.21
CA LYS B 150 9.84 8.30 -30.52
C LYS B 150 8.45 8.95 -30.44
N LEU B 151 8.36 10.11 -29.80
CA LEU B 151 7.10 10.81 -29.58
C LEU B 151 6.48 11.45 -30.84
N THR B 152 5.18 11.23 -30.95
CA THR B 152 4.30 11.95 -31.84
C THR B 152 3.23 12.53 -30.87
N LEU B 153 3.33 13.80 -30.53
CA LEU B 153 2.38 14.39 -29.61
C LEU B 153 1.15 14.90 -30.40
N HIS B 154 -0.06 14.66 -29.87
CA HIS B 154 -1.34 14.95 -30.51
C HIS B 154 -2.15 15.70 -29.48
N VAL B 155 -3.08 16.53 -29.95
CA VAL B 155 -3.94 17.30 -29.08
C VAL B 155 -5.39 16.92 -29.23
N GLY B 156 -6.05 16.71 -28.09
CA GLY B 156 -7.48 16.53 -28.06
C GLY B 156 -7.96 15.57 -27.03
N ASP B 157 -9.27 15.35 -27.08
CA ASP B 157 -9.99 14.43 -26.21
C ASP B 157 -9.63 13.04 -26.71
N GLY B 158 -9.00 12.26 -25.81
CA GLY B 158 -8.51 10.91 -26.14
C GLY B 158 -9.62 9.97 -26.55
N PHE B 159 -10.85 10.23 -26.05
CA PHE B 159 -12.07 9.49 -26.44
C PHE B 159 -12.36 9.56 -27.94
N GLU B 160 -12.60 10.79 -28.42
CA GLU B 160 -12.86 11.01 -29.82
C GLU B 160 -11.61 10.62 -30.66
N PHE B 161 -10.40 10.82 -30.14
CA PHE B 161 -9.18 10.42 -30.85
C PHE B 161 -9.13 8.89 -31.04
N MET B 162 -9.63 8.14 -30.06
CA MET B 162 -9.56 6.69 -30.10
C MET B 162 -10.27 6.15 -31.34
N LYS B 163 -11.38 6.81 -31.70
CA LYS B 163 -12.24 6.50 -32.91
C LYS B 163 -11.53 6.59 -34.25
N GLN B 164 -10.41 7.31 -34.29
CA GLN B 164 -9.67 7.56 -35.49
C GLN B 164 -8.78 6.35 -35.83
N ASN B 165 -8.66 5.40 -34.92
CA ASN B 165 -7.65 4.32 -35.03
C ASN B 165 -8.25 2.93 -35.12
N GLN B 166 -7.69 2.09 -36.01
CA GLN B 166 -8.18 0.72 -36.10
C GLN B 166 -6.98 -0.15 -36.33
N ASP B 167 -6.74 -1.14 -35.46
CA ASP B 167 -5.72 -2.17 -35.72
C ASP B 167 -4.33 -1.51 -35.81
N ALA B 168 -4.12 -0.50 -34.95
CA ALA B 168 -2.98 0.42 -35.03
C ALA B 168 -1.91 0.27 -33.96
N PHE B 169 -2.30 -0.11 -32.74
CA PHE B 169 -1.37 -0.14 -31.61
C PHE B 169 -1.11 -1.55 -31.00
N ASP B 170 0.12 -1.80 -30.55
CA ASP B 170 0.42 -2.94 -29.68
C ASP B 170 -0.06 -2.80 -28.21
N VAL B 171 0.05 -1.57 -27.69
CA VAL B 171 -0.24 -1.25 -26.31
C VAL B 171 -0.92 0.14 -26.25
N ILE B 172 -1.90 0.28 -25.37
CA ILE B 172 -2.51 1.56 -25.09
C ILE B 172 -2.51 1.70 -23.57
N ILE B 173 -2.02 2.87 -23.15
CA ILE B 173 -2.02 3.22 -21.77
C ILE B 173 -2.88 4.45 -21.62
N THR B 174 -3.79 4.43 -20.66
CA THR B 174 -4.55 5.62 -20.34
C THR B 174 -4.16 6.04 -18.92
N ASP B 175 -3.49 7.18 -18.89
CA ASP B 175 -3.08 7.85 -17.67
C ASP B 175 -3.85 9.20 -17.62
N SER B 176 -5.07 9.16 -17.07
CA SER B 176 -5.95 10.36 -17.11
C SER B 176 -6.03 11.09 -15.76
N SER B 177 -6.47 12.35 -15.81
CA SER B 177 -6.94 13.01 -14.60
C SER B 177 -8.32 12.42 -14.17
N ASP B 178 -9.02 13.07 -13.24
CA ASP B 178 -10.10 12.44 -12.48
C ASP B 178 -11.49 12.56 -13.17
N PRO B 179 -12.52 11.75 -12.77
CA PRO B 179 -13.84 11.72 -13.47
C PRO B 179 -14.75 12.93 -13.17
N MET B 180 -14.08 14.07 -12.98
CA MET B 180 -14.65 15.38 -12.83
C MET B 180 -13.88 16.01 -13.98
N GLY B 181 -14.18 17.22 -14.40
CA GLY B 181 -13.33 17.80 -15.48
C GLY B 181 -13.13 16.89 -16.69
N PRO B 182 -12.10 17.19 -17.52
CA PRO B 182 -12.05 16.69 -18.91
C PRO B 182 -11.88 15.17 -19.14
N ALA B 183 -11.48 14.44 -18.08
CA ALA B 183 -11.30 12.99 -18.12
C ALA B 183 -12.63 12.25 -18.06
N GLU B 184 -13.74 12.98 -17.86
CA GLU B 184 -15.07 12.38 -17.90
C GLU B 184 -15.31 11.52 -19.17
N SER B 185 -14.94 12.03 -20.35
CA SER B 185 -15.21 11.31 -21.62
C SER B 185 -14.60 9.89 -21.65
N LEU B 186 -13.46 9.73 -20.98
CA LEU B 186 -12.73 8.45 -20.90
C LEU B 186 -13.39 7.47 -19.92
N PHE B 187 -14.37 7.93 -19.11
CA PHE B 187 -15.03 7.04 -18.14
C PHE B 187 -16.31 6.36 -18.69
N LYS B 188 -16.65 6.69 -19.93
CA LYS B 188 -17.63 5.94 -20.69
C LYS B 188 -17.06 4.57 -21.06
N GLU B 189 -17.72 3.54 -20.54
CA GLU B 189 -17.38 2.13 -20.75
C GLU B 189 -17.10 1.76 -22.25
N SER B 190 -17.85 2.39 -23.17
CA SER B 190 -17.58 2.40 -24.64
C SER B 190 -16.10 2.62 -25.06
N TYR B 191 -15.38 3.40 -24.28
CA TYR B 191 -13.95 3.68 -24.49
C TYR B 191 -13.08 2.42 -24.55
N TYR B 192 -13.49 1.40 -23.79
CA TYR B 192 -12.84 0.12 -23.79
C TYR B 192 -13.08 -0.59 -25.11
N GLN B 193 -14.29 -0.53 -25.67
CA GLN B 193 -14.49 -1.04 -27.02
C GLN B 193 -13.70 -0.28 -28.09
N LEU B 194 -13.68 1.06 -27.98
CA LEU B 194 -12.80 1.85 -28.83
C LEU B 194 -11.31 1.48 -28.77
N MET B 195 -10.80 1.33 -27.56
CA MET B 195 -9.44 0.82 -27.41
C MET B 195 -9.24 -0.57 -28.06
N LYS B 196 -10.18 -1.51 -27.82
CA LYS B 196 -10.11 -2.86 -28.51
C LYS B 196 -9.97 -2.72 -30.04
N THR B 197 -10.81 -1.87 -30.63
CA THR B 197 -10.74 -1.66 -32.09
C THR B 197 -9.37 -1.04 -32.50
N ALA B 198 -8.91 -0.05 -31.72
CA ALA B 198 -7.61 0.62 -31.94
C ALA B 198 -6.40 -0.29 -31.81
N LEU B 199 -6.52 -1.36 -31.04
CA LEU B 199 -5.45 -2.33 -30.83
C LEU B 199 -5.23 -3.30 -31.99
N LYS B 200 -3.98 -3.65 -32.26
CA LYS B 200 -3.70 -4.81 -33.12
C LYS B 200 -4.41 -6.12 -32.63
N GLU B 201 -4.33 -7.19 -33.43
CA GLU B 201 -5.04 -8.41 -33.06
C GLU B 201 -4.61 -9.02 -31.70
N ASP B 202 -3.34 -8.83 -31.35
CA ASP B 202 -2.73 -9.39 -30.15
C ASP B 202 -2.32 -8.26 -29.20
N GLY B 203 -3.02 -7.12 -29.30
CA GLY B 203 -2.70 -5.95 -28.51
C GLY B 203 -3.16 -6.03 -27.07
N VAL B 204 -2.51 -5.25 -26.23
CA VAL B 204 -2.82 -5.19 -24.83
C VAL B 204 -3.05 -3.76 -24.35
N LEU B 205 -3.82 -3.59 -23.29
CA LEU B 205 -3.99 -2.26 -22.76
C LEU B 205 -3.87 -2.24 -21.25
N CYS B 206 -3.49 -1.07 -20.71
CA CYS B 206 -3.50 -0.78 -19.30
C CYS B 206 -4.19 0.54 -18.98
N CYS B 207 -5.13 0.54 -18.05
CA CYS B 207 -5.86 1.73 -17.63
C CYS B 207 -5.80 1.81 -16.14
N GLN B 208 -5.87 3.00 -15.60
CA GLN B 208 -5.90 3.15 -14.16
C GLN B 208 -7.15 2.42 -13.67
N GLY B 209 -7.03 1.58 -12.64
CA GLY B 209 -8.13 0.69 -12.35
C GLY B 209 -8.87 0.68 -11.02
N GLU B 210 -8.81 1.76 -10.25
CA GLU B 210 -9.53 1.84 -8.94
C GLU B 210 -8.79 1.22 -7.75
N CYS B 211 -8.96 1.85 -6.58
CA CYS B 211 -8.32 1.41 -5.34
C CYS B 211 -9.24 0.40 -4.71
N GLN B 212 -8.69 -0.78 -4.44
CA GLN B 212 -9.46 -1.94 -3.95
C GLN B 212 -9.97 -1.79 -2.53
N TRP B 213 -9.37 -0.85 -1.79
CA TRP B 213 -9.82 -0.38 -0.49
C TRP B 213 -10.90 0.72 -0.48
N LEU B 214 -11.22 1.27 -1.64
CA LEU B 214 -12.20 2.35 -1.78
C LEU B 214 -13.44 1.98 -2.61
N HIS B 215 -13.23 1.29 -3.74
CA HIS B 215 -14.33 0.98 -4.69
C HIS B 215 -14.17 -0.40 -5.28
N LEU B 216 -14.11 -1.39 -4.40
CA LEU B 216 -14.03 -2.76 -4.86
C LEU B 216 -15.24 -3.22 -5.75
N ASP B 217 -16.45 -2.75 -5.40
CA ASP B 217 -17.64 -2.95 -6.23
C ASP B 217 -17.47 -2.50 -7.69
N LEU B 218 -16.78 -1.36 -7.88
CA LEU B 218 -16.52 -0.84 -9.21
C LEU B 218 -15.51 -1.71 -9.99
N ILE B 219 -14.58 -2.31 -9.29
CA ILE B 219 -13.56 -3.17 -9.95
C ILE B 219 -14.22 -4.41 -10.45
N LYS B 220 -15.17 -4.90 -9.66
CA LYS B 220 -15.92 -6.10 -10.00
C LYS B 220 -16.77 -5.89 -11.27
N GLU B 221 -17.52 -4.78 -11.30
CA GLU B 221 -18.28 -4.34 -12.47
C GLU B 221 -17.40 -4.12 -13.67
N MET B 222 -16.29 -3.40 -13.48
CA MET B 222 -15.37 -3.13 -14.57
C MET B 222 -14.74 -4.44 -15.09
N ARG B 223 -14.28 -5.32 -14.21
CA ARG B 223 -13.75 -6.60 -14.66
C ARG B 223 -14.75 -7.46 -15.49
N GLN B 224 -16.01 -7.51 -15.06
CA GLN B 224 -17.08 -8.21 -15.79
C GLN B 224 -17.35 -7.58 -17.12
N PHE B 225 -17.37 -6.25 -17.15
CA PHE B 225 -17.51 -5.56 -18.40
C PHE B 225 -16.37 -5.87 -19.39
N CYS B 226 -15.12 -5.72 -18.92
CA CYS B 226 -13.98 -6.00 -19.78
C CYS B 226 -13.91 -7.46 -20.26
N GLN B 227 -14.33 -8.38 -19.38
CA GLN B 227 -14.28 -9.83 -19.68
C GLN B 227 -15.23 -10.18 -20.83
N SER B 228 -16.31 -9.39 -21.01
CA SER B 228 -17.20 -9.62 -22.17
C SER B 228 -16.67 -9.06 -23.52
N LEU B 229 -15.67 -8.18 -23.42
CA LEU B 229 -14.96 -7.62 -24.58
C LEU B 229 -13.69 -8.37 -24.93
N PHE B 230 -12.97 -8.85 -23.91
CA PHE B 230 -11.60 -9.34 -24.09
C PHE B 230 -11.45 -10.75 -23.53
N PRO B 231 -10.66 -11.59 -24.19
CA PRO B 231 -10.51 -12.93 -23.62
C PRO B 231 -9.68 -12.94 -22.32
N VAL B 232 -8.76 -11.98 -22.14
CA VAL B 232 -7.96 -11.95 -20.91
C VAL B 232 -8.02 -10.59 -20.27
N VAL B 233 -8.39 -10.58 -18.99
CA VAL B 233 -8.58 -9.39 -18.16
C VAL B 233 -7.92 -9.67 -16.78
N ALA B 234 -7.14 -8.72 -16.25
CA ALA B 234 -6.52 -8.84 -14.93
C ALA B 234 -6.55 -7.50 -14.19
N TYR B 235 -6.40 -7.57 -12.88
CA TYR B 235 -6.33 -6.40 -12.03
C TYR B 235 -5.04 -6.55 -11.20
N ALA B 236 -4.23 -5.50 -11.18
CA ALA B 236 -3.02 -5.45 -10.38
C ALA B 236 -3.06 -4.08 -9.73
N TYR B 237 -2.13 -3.87 -8.80
CA TYR B 237 -2.11 -2.67 -7.99
C TYR B 237 -0.66 -2.42 -7.54
N CYS B 238 -0.41 -1.18 -7.19
CA CYS B 238 0.87 -0.72 -6.71
C CYS B 238 0.63 0.22 -5.52
N THR B 239 1.65 0.44 -4.72
CA THR B 239 1.53 1.36 -3.60
C THR B 239 2.18 2.69 -3.95
N ILE B 240 1.59 3.77 -3.42
CA ILE B 240 1.99 5.13 -3.70
C ILE B 240 1.36 6.01 -2.60
N PRO B 241 2.21 6.46 -1.66
CA PRO B 241 1.78 7.14 -0.45
C PRO B 241 0.71 8.23 -0.70
N THR B 242 0.85 8.98 -1.80
CA THR B 242 -0.01 10.15 -2.03
C THR B 242 -1.25 9.92 -2.90
N TYR B 243 -1.53 8.66 -3.22
CA TYR B 243 -2.84 8.31 -3.78
C TYR B 243 -3.78 8.06 -2.60
N PRO B 244 -5.08 8.35 -2.77
CA PRO B 244 -6.08 8.03 -1.71
C PRO B 244 -5.92 6.57 -1.24
N SER B 245 -5.83 6.39 0.09
CA SER B 245 -5.69 5.06 0.73
C SER B 245 -4.33 4.36 0.48
N GLY B 246 -3.41 5.07 -0.19
CA GLY B 246 -1.99 4.71 -0.29
C GLY B 246 -1.63 3.79 -1.44
N GLN B 247 -2.55 3.63 -2.39
CA GLN B 247 -2.41 2.65 -3.48
C GLN B 247 -3.40 2.83 -4.64
N ILE B 248 -3.08 2.27 -5.82
CA ILE B 248 -3.99 2.30 -6.95
C ILE B 248 -3.89 1.00 -7.74
N GLY B 249 -4.96 0.66 -8.42
CA GLY B 249 -5.00 -0.53 -9.27
C GLY B 249 -5.02 -0.17 -10.74
N PHE B 250 -4.90 -1.21 -11.56
CA PHE B 250 -4.74 -1.16 -12.99
C PHE B 250 -5.61 -2.25 -13.64
N MET B 251 -6.40 -1.87 -14.61
CA MET B 251 -7.11 -2.85 -15.42
C MET B 251 -6.18 -3.22 -16.60
N LEU B 252 -5.96 -4.48 -16.80
CA LEU B 252 -5.15 -4.98 -17.88
C LEU B 252 -6.09 -5.80 -18.78
N CYS B 253 -6.09 -5.54 -20.09
CA CYS B 253 -6.88 -6.30 -21.06
C CYS B 253 -6.01 -6.75 -22.25
N SER B 254 -6.20 -7.98 -22.72
CA SER B 254 -5.47 -8.41 -23.90
C SER B 254 -6.49 -8.98 -24.88
N LYS B 255 -6.24 -8.74 -26.16
CA LYS B 255 -7.01 -9.33 -27.20
C LYS B 255 -6.42 -10.71 -27.56
N ASN B 256 -5.25 -11.01 -27.00
CA ASN B 256 -4.56 -12.31 -27.15
C ASN B 256 -5.03 -13.26 -26.03
N PRO B 257 -5.81 -14.30 -26.39
CA PRO B 257 -6.34 -15.20 -25.38
C PRO B 257 -5.26 -16.05 -24.65
N SER B 258 -4.04 -16.15 -25.18
CA SER B 258 -2.88 -16.78 -24.51
C SER B 258 -2.10 -15.86 -23.51
N THR B 259 -2.35 -14.55 -23.53
CA THR B 259 -1.73 -13.62 -22.54
C THR B 259 -1.91 -14.10 -21.12
N ASN B 260 -0.80 -14.16 -20.39
CA ASN B 260 -0.75 -14.42 -18.98
C ASN B 260 -0.17 -13.14 -18.37
N PHE B 261 -1.04 -12.26 -17.83
CA PHE B 261 -0.57 -11.00 -17.31
C PHE B 261 0.29 -11.15 -16.07
N GLN B 262 -0.01 -12.13 -15.22
CA GLN B 262 0.72 -12.30 -13.97
C GLN B 262 2.17 -12.78 -14.12
N GLU B 263 2.48 -13.51 -15.19
CA GLU B 263 3.86 -13.95 -15.46
C GLU B 263 4.40 -13.14 -16.66
N PRO B 264 5.33 -12.18 -16.43
CA PRO B 264 5.80 -11.32 -17.53
C PRO B 264 6.33 -12.14 -18.72
N VAL B 265 5.70 -12.00 -19.90
CA VAL B 265 6.28 -12.63 -21.11
C VAL B 265 7.64 -12.01 -21.45
N GLN B 266 7.88 -10.75 -21.07
CA GLN B 266 9.23 -10.17 -21.10
C GLN B 266 9.79 -9.90 -19.70
N PRO B 267 10.46 -10.91 -19.12
CA PRO B 267 11.17 -10.68 -17.85
C PRO B 267 12.38 -9.74 -18.02
N LEU B 268 12.63 -8.92 -17.01
CA LEU B 268 13.79 -8.01 -17.00
C LEU B 268 14.84 -8.64 -16.10
N THR B 269 16.10 -8.62 -16.53
CA THR B 269 17.25 -9.07 -15.70
C THR B 269 17.57 -7.93 -14.77
N GLN B 270 18.37 -8.20 -13.74
CA GLN B 270 18.81 -7.15 -12.83
C GLN B 270 19.56 -6.04 -13.58
N GLN B 271 20.40 -6.44 -14.56
CA GLN B 271 21.14 -5.49 -15.35
C GLN B 271 20.20 -4.50 -16.06
N GLN B 272 19.10 -5.03 -16.61
CA GLN B 272 18.15 -4.22 -17.31
C GLN B 272 17.41 -3.24 -16.41
N VAL B 273 17.01 -3.70 -15.22
CA VAL B 273 16.35 -2.88 -14.21
C VAL B 273 17.25 -1.72 -13.78
N ALA B 274 18.54 -2.07 -13.58
CA ALA B 274 19.65 -1.13 -13.31
C ALA B 274 19.79 -0.12 -14.47
N GLN B 275 19.91 -0.63 -15.69
CA GLN B 275 20.02 0.21 -16.88
C GLN B 275 18.81 1.18 -17.00
N MET B 276 17.61 0.65 -16.75
CA MET B 276 16.38 1.42 -16.90
C MET B 276 16.17 2.40 -15.76
N GLN B 277 17.05 2.33 -14.77
CA GLN B 277 16.97 3.22 -13.62
C GLN B 277 15.65 3.06 -12.91
N LEU B 278 15.14 1.86 -12.88
CA LEU B 278 13.90 1.62 -12.14
C LEU B 278 14.03 1.69 -10.60
N LYS B 279 13.05 2.36 -10.00
CA LYS B 279 12.95 2.46 -8.57
C LYS B 279 11.82 1.60 -7.92
N TYR B 280 10.87 1.09 -8.68
CA TYR B 280 9.75 0.35 -8.10
C TYR B 280 9.60 -0.99 -8.85
N TYR B 281 9.40 -0.90 -10.16
CA TYR B 281 9.12 -2.06 -10.95
C TYR B 281 10.33 -2.98 -11.09
N ASN B 282 10.06 -4.28 -11.00
CA ASN B 282 10.96 -5.29 -11.50
C ASN B 282 10.05 -6.48 -11.77
N SER B 283 10.60 -7.60 -12.26
CA SER B 283 9.75 -8.77 -12.59
C SER B 283 9.03 -9.48 -11.44
N ASP B 284 9.70 -9.62 -10.30
CA ASP B 284 9.06 -10.16 -9.09
C ASP B 284 7.92 -9.23 -8.63
N VAL B 285 8.16 -7.93 -8.71
CA VAL B 285 7.12 -6.92 -8.36
C VAL B 285 5.94 -7.02 -9.33
N HIS B 286 6.25 -7.18 -10.61
CA HIS B 286 5.19 -7.50 -11.62
C HIS B 286 4.25 -8.64 -11.14
N ARG B 287 4.81 -9.77 -10.76
CA ARG B 287 4.06 -10.94 -10.41
C ARG B 287 3.31 -10.70 -9.10
N ALA B 288 3.97 -10.10 -8.11
CA ALA B 288 3.35 -9.89 -6.82
C ALA B 288 2.18 -8.93 -6.90
N ALA B 289 2.17 -8.05 -7.90
CA ALA B 289 1.18 -6.96 -8.02
C ALA B 289 -0.27 -7.47 -8.28
N PHE B 290 -0.35 -8.71 -8.73
CA PHE B 290 -1.59 -9.43 -9.03
C PHE B 290 -2.15 -10.23 -7.84
N VAL B 291 -1.39 -10.27 -6.73
CA VAL B 291 -1.75 -10.95 -5.51
C VAL B 291 -2.55 -10.01 -4.58
N LEU B 292 -3.85 -10.24 -4.45
CA LEU B 292 -4.71 -9.25 -3.82
C LEU B 292 -4.96 -9.71 -2.38
N PRO B 293 -5.22 -8.75 -1.44
CA PRO B 293 -5.73 -9.13 -0.10
C PRO B 293 -6.95 -10.06 -0.25
N GLU B 294 -7.16 -10.96 0.72
CA GLU B 294 -8.27 -11.90 0.65
C GLU B 294 -9.64 -11.31 0.30
N PHE B 295 -9.97 -10.14 0.83
CA PHE B 295 -11.30 -9.58 0.62
C PHE B 295 -11.55 -9.22 -0.87
N ALA B 296 -10.48 -8.87 -1.59
CA ALA B 296 -10.57 -8.42 -2.97
C ALA B 296 -10.43 -9.63 -3.88
N ARG B 297 -9.58 -10.59 -3.47
CA ARG B 297 -9.50 -11.89 -4.17
C ARG B 297 -10.88 -12.61 -4.20
N LYS B 298 -11.53 -12.62 -3.03
CA LYS B 298 -12.85 -13.18 -2.85
C LYS B 298 -13.86 -12.49 -3.79
N ALA B 299 -13.91 -11.16 -3.70
CA ALA B 299 -14.82 -10.36 -4.49
C ALA B 299 -14.63 -10.53 -6.01
N LEU B 300 -13.39 -10.61 -6.49
CA LEU B 300 -13.09 -10.69 -7.91
C LEU B 300 -13.05 -12.06 -8.55
N ASN B 301 -12.94 -13.12 -7.75
CA ASN B 301 -12.74 -14.48 -8.24
C ASN B 301 -13.89 -15.43 -7.90
N ASP B 302 -14.42 -15.27 -6.70
CA ASP B 302 -15.36 -16.23 -6.13
C ASP B 302 -16.78 -15.86 -6.56
#